data_7CWQ
#
_entry.id   7CWQ
#
_cell.length_a   69.967
_cell.length_b   69.967
_cell.length_c   381.890
_cell.angle_alpha   90.000
_cell.angle_beta   90.000
_cell.angle_gamma   120.000
#
_symmetry.space_group_name_H-M   'P 65 2 2'
#
loop_
_entity.id
_entity.type
_entity.pdbx_description
1 polymer 'DLH domain-containing protein'
2 non-polymer 'SULFATE ION'
3 water water
#
_entity_poly.entity_id   1
_entity_poly.type   'polypeptide(L)'
_entity_poly.pdbx_seq_one_letter_code
;MNPFEKGPDPTKTMLEASTGPFTYTTTTVSSTTASGYRQGTIYHPTNVTGPFAAVAVVPGYLASQSSINWWGPRLASHGF
VVITIDTNSTSDQPPSRATQLMAALNQLKTFSNTSSHPIYRKVDPNRLGVMGWSMGGGGTLIAARDNPTLKAAIPFAPWN
SSTNFSTVSVPTLIIACESDSTAPVNSHASPFYNSLPSTTKKAYLEMNNGSHSCANSGNSNAGLIGKYGVSWMKRFMDND
TRFSPYLCGAPHQADLSLTAIDEYRENCPY
;
_entity_poly.pdbx_strand_id   A,B
#
# COMPACT_ATOMS: atom_id res chain seq x y z
N MET A 1 5.03 31.29 7.91
CA MET A 1 6.14 30.86 8.79
C MET A 1 6.98 29.81 8.07
N ASN A 2 6.46 29.20 7.01
CA ASN A 2 7.23 28.27 6.15
C ASN A 2 7.66 29.03 4.91
N PRO A 3 8.96 29.36 4.79
CA PRO A 3 9.43 30.18 3.68
C PRO A 3 9.37 29.47 2.33
N PHE A 4 9.16 28.14 2.34
CA PHE A 4 9.14 27.30 1.10
C PHE A 4 7.72 27.13 0.56
N GLU A 5 6.71 27.50 1.33
CA GLU A 5 5.29 27.43 0.93
C GLU A 5 5.05 28.41 -0.24
N LYS A 6 4.49 27.92 -1.36
CA LYS A 6 4.14 28.77 -2.53
C LYS A 6 2.66 28.60 -2.86
N GLY A 7 2.02 29.72 -3.20
CA GLY A 7 0.72 29.74 -3.87
C GLY A 7 -0.42 29.61 -2.88
N PRO A 8 -1.66 29.68 -3.38
CA PRO A 8 -2.85 29.58 -2.56
C PRO A 8 -2.99 28.23 -1.85
N ASP A 9 -3.80 28.24 -0.80
CA ASP A 9 -4.19 27.03 -0.04
C ASP A 9 -4.79 26.04 -1.02
N PRO A 10 -4.40 24.75 -0.94
CA PRO A 10 -4.88 23.76 -1.89
C PRO A 10 -6.38 23.48 -1.70
N THR A 11 -7.02 23.08 -2.80
CA THR A 11 -8.39 22.52 -2.89
C THR A 11 -8.36 21.30 -3.80
N LYS A 12 -9.34 20.41 -3.68
CA LYS A 12 -9.49 19.28 -4.63
C LYS A 12 -9.49 19.81 -6.07
N THR A 13 -10.26 20.87 -6.36
CA THR A 13 -10.40 21.44 -7.73
C THR A 13 -9.02 21.81 -8.25
N MET A 14 -8.29 22.55 -7.45
CA MET A 14 -7.00 23.16 -7.86
C MET A 14 -6.00 22.02 -8.08
N LEU A 15 -6.10 20.93 -7.30
CA LEU A 15 -5.11 19.83 -7.38
C LEU A 15 -5.41 18.90 -8.56
N GLU A 16 -6.64 18.84 -9.05
CA GLU A 16 -7.03 17.94 -10.17
C GLU A 16 -7.00 18.68 -11.50
N ALA A 17 -6.84 20.01 -11.50
CA ALA A 17 -6.77 20.79 -12.75
C ALA A 17 -5.52 20.42 -13.54
N SER A 18 -5.56 20.51 -14.86
CA SER A 18 -4.39 20.19 -15.72
C SER A 18 -3.21 21.12 -15.41
N THR A 19 -3.46 22.33 -14.92
CA THR A 19 -2.36 23.16 -14.38
C THR A 19 -2.77 23.77 -13.04
N GLY A 20 -1.77 24.01 -12.23
CA GLY A 20 -1.89 24.67 -10.95
C GLY A 20 -2.00 26.17 -11.11
N PRO A 21 -1.81 26.90 -10.01
CA PRO A 21 -2.12 28.33 -9.95
C PRO A 21 -1.06 29.20 -10.62
N PHE A 22 0.08 28.62 -11.02
CA PHE A 22 1.21 29.38 -11.57
C PHE A 22 1.25 29.21 -13.09
N THR A 23 1.67 30.27 -13.76
CA THR A 23 2.06 30.23 -15.18
C THR A 23 3.46 29.65 -15.29
N TYR A 24 3.77 29.01 -16.40
CA TYR A 24 5.10 28.38 -16.59
C TYR A 24 5.56 28.64 -18.01
N THR A 25 6.85 28.45 -18.22
CA THR A 25 7.42 28.51 -19.58
C THR A 25 8.41 27.35 -19.72
N THR A 26 8.91 27.16 -20.92
CA THR A 26 9.85 26.05 -21.22
C THR A 26 11.13 26.64 -21.76
N THR A 27 12.22 25.98 -21.48
CA THR A 27 13.56 26.28 -22.02
C THR A 27 14.13 24.95 -22.50
N THR A 28 14.49 24.86 -23.78
CA THR A 28 15.06 23.60 -24.34
C THR A 28 16.53 23.54 -23.97
N VAL A 29 17.01 22.38 -23.57
CA VAL A 29 18.45 22.12 -23.39
C VAL A 29 18.93 21.28 -24.57
N SER A 30 19.65 21.91 -25.50
CA SER A 30 20.17 21.19 -26.69
C SER A 30 21.13 20.09 -26.26
N SER A 31 21.40 19.14 -27.17
CA SER A 31 22.39 18.07 -26.87
C SER A 31 23.80 18.66 -26.85
N THR A 32 24.00 19.86 -27.42
CA THR A 32 25.30 20.58 -27.33
C THR A 32 25.53 21.08 -25.89
N THR A 33 24.49 21.64 -25.28
CA THR A 33 24.54 22.19 -23.90
C THR A 33 24.47 21.11 -22.82
N ALA A 34 23.65 20.08 -22.99
CA ALA A 34 23.37 19.09 -21.93
C ALA A 34 24.67 18.39 -21.53
N SER A 35 24.85 18.25 -20.23
CA SER A 35 26.05 17.70 -19.58
C SER A 35 25.68 16.46 -18.77
N GLY A 36 26.02 15.28 -19.31
CA GLY A 36 25.84 14.00 -18.60
C GLY A 36 24.50 13.33 -18.89
N TYR A 37 23.76 13.86 -19.84
CA TYR A 37 22.49 13.29 -20.36
C TYR A 37 22.33 13.83 -21.77
N ARG A 38 21.44 13.30 -22.58
CA ARG A 38 21.45 13.62 -24.01
C ARG A 38 20.97 15.05 -24.27
N GLN A 39 19.79 15.38 -23.76
CA GLN A 39 19.13 16.68 -23.97
C GLN A 39 17.90 16.73 -23.07
N GLY A 40 17.25 17.88 -23.00
CA GLY A 40 16.09 17.95 -22.10
C GLY A 40 15.32 19.21 -22.30
N THR A 41 14.23 19.31 -21.55
CA THR A 41 13.39 20.50 -21.60
C THR A 41 13.14 20.89 -20.15
N ILE A 42 13.31 22.17 -19.86
CA ILE A 42 13.08 22.67 -18.48
C ILE A 42 11.75 23.40 -18.44
N TYR A 43 10.94 23.07 -17.44
CA TYR A 43 9.64 23.73 -17.24
C TYR A 43 9.79 24.53 -15.95
N HIS A 44 9.46 25.82 -16.01
CA HIS A 44 9.72 26.66 -14.82
C HIS A 44 8.63 27.70 -14.62
N PRO A 45 8.30 28.03 -13.36
CA PRO A 45 7.25 28.98 -13.07
C PRO A 45 7.64 30.42 -13.45
N THR A 46 6.66 31.23 -13.82
CA THR A 46 6.95 32.59 -14.31
C THR A 46 6.22 33.67 -13.55
N ASN A 47 5.14 33.39 -12.86
CA ASN A 47 4.35 34.46 -12.18
C ASN A 47 4.46 34.34 -10.66
N VAL A 48 5.65 33.96 -10.20
CA VAL A 48 5.97 33.74 -8.78
C VAL A 48 7.49 33.73 -8.68
N THR A 49 8.06 34.30 -7.63
CA THR A 49 9.53 34.34 -7.46
C THR A 49 9.93 33.13 -6.62
N GLY A 50 11.10 32.61 -6.91
CA GLY A 50 11.61 31.43 -6.21
C GLY A 50 12.54 31.83 -5.08
N PRO A 51 13.59 31.03 -4.78
CA PRO A 51 13.91 29.83 -5.55
C PRO A 51 12.86 28.72 -5.32
N PHE A 52 12.89 27.69 -6.16
CA PHE A 52 11.92 26.56 -6.13
C PHE A 52 12.68 25.26 -5.95
N ALA A 53 12.04 24.24 -5.39
CA ALA A 53 12.58 22.87 -5.45
C ALA A 53 12.63 22.46 -6.93
N ALA A 54 13.52 21.53 -7.27
CA ALA A 54 13.72 21.08 -8.66
C ALA A 54 13.52 19.57 -8.75
N VAL A 55 13.02 19.13 -9.90
CA VAL A 55 12.79 17.68 -10.15
C VAL A 55 13.36 17.27 -11.51
N ALA A 56 13.97 16.09 -11.58
CA ALA A 56 14.39 15.55 -12.89
C ALA A 56 13.52 14.31 -13.18
N VAL A 57 13.11 14.17 -14.45
CA VAL A 57 12.22 13.04 -14.86
C VAL A 57 12.86 12.29 -16.03
N VAL A 58 12.96 10.97 -15.90
CA VAL A 58 13.66 10.15 -16.93
C VAL A 58 12.69 9.08 -17.47
N PRO A 59 12.72 8.80 -18.77
CA PRO A 59 11.88 7.77 -19.31
C PRO A 59 12.38 6.33 -19.14
N GLY A 60 11.63 5.42 -19.74
CA GLY A 60 12.00 4.00 -19.73
C GLY A 60 12.81 3.57 -20.95
N TYR A 61 13.11 2.28 -20.99
CA TYR A 61 13.94 1.70 -22.05
C TYR A 61 13.35 1.96 -23.45
N LEU A 62 14.19 2.45 -24.34
CA LEU A 62 13.86 2.82 -25.75
C LEU A 62 12.96 4.06 -25.83
N ALA A 63 12.60 4.68 -24.71
CA ALA A 63 11.56 5.75 -24.68
C ALA A 63 12.21 7.12 -24.66
N SER A 64 11.41 8.13 -24.96
CA SER A 64 11.86 9.55 -25.04
C SER A 64 11.07 10.45 -24.10
N GLN A 65 11.41 11.73 -24.09
CA GLN A 65 10.75 12.74 -23.22
C GLN A 65 9.24 12.64 -23.34
N SER A 66 8.72 12.44 -24.55
CA SER A 66 7.27 12.58 -24.83
C SER A 66 6.49 11.64 -23.91
N SER A 67 7.07 10.51 -23.51
CA SER A 67 6.37 9.52 -22.66
C SER A 67 6.15 10.08 -21.25
N ILE A 68 6.98 11.01 -20.79
CA ILE A 68 7.00 11.37 -19.34
C ILE A 68 6.81 12.87 -19.14
N ASN A 69 6.71 13.66 -20.21
CA ASN A 69 6.88 15.13 -20.04
C ASN A 69 5.59 15.83 -19.59
N TRP A 70 4.44 15.18 -19.50
CA TRP A 70 3.23 15.79 -18.92
C TRP A 70 3.52 16.27 -17.48
N TRP A 71 4.46 15.63 -16.79
CA TRP A 71 4.84 16.03 -15.41
C TRP A 71 5.43 17.44 -15.42
N GLY A 72 6.05 17.85 -16.52
CA GLY A 72 6.68 19.17 -16.62
C GLY A 72 5.68 20.30 -16.36
N PRO A 73 4.66 20.49 -17.23
CA PRO A 73 3.67 21.52 -16.98
C PRO A 73 2.95 21.33 -15.65
N ARG A 74 2.62 20.09 -15.30
CA ARG A 74 1.80 19.84 -14.08
C ARG A 74 2.57 20.32 -12.85
N LEU A 75 3.84 19.96 -12.72
CA LEU A 75 4.61 20.36 -11.52
C LEU A 75 5.09 21.81 -11.64
N ALA A 76 5.50 22.30 -12.82
CA ALA A 76 5.98 23.70 -12.91
C ALA A 76 4.88 24.68 -12.55
N SER A 77 3.63 24.35 -12.87
CA SER A 77 2.46 25.24 -12.62
C SER A 77 2.07 25.17 -11.14
N HIS A 78 2.77 24.37 -10.35
CA HIS A 78 2.65 24.33 -8.87
C HIS A 78 3.94 24.77 -8.18
N GLY A 79 4.83 25.47 -8.88
CA GLY A 79 6.01 26.12 -8.26
C GLY A 79 7.15 25.14 -8.06
N PHE A 80 7.50 24.38 -9.09
CA PHE A 80 8.71 23.54 -9.16
C PHE A 80 9.42 23.83 -10.49
N VAL A 81 10.73 23.66 -10.50
CA VAL A 81 11.51 23.64 -11.75
C VAL A 81 11.66 22.17 -12.14
N VAL A 82 11.28 21.80 -13.34
CA VAL A 82 11.28 20.39 -13.79
C VAL A 82 12.15 20.27 -15.03
N ILE A 83 13.04 19.29 -15.07
CA ILE A 83 13.74 18.95 -16.34
C ILE A 83 13.33 17.53 -16.76
N THR A 84 12.78 17.42 -17.95
CA THR A 84 12.46 16.11 -18.58
C THR A 84 13.62 15.77 -19.51
N ILE A 85 14.23 14.61 -19.32
CA ILE A 85 15.48 14.30 -20.05
C ILE A 85 15.29 13.16 -21.05
N ASP A 86 16.11 13.19 -22.08
CA ASP A 86 16.44 12.02 -22.91
C ASP A 86 17.76 11.47 -22.42
N THR A 87 17.91 10.16 -22.46
CA THR A 87 19.15 9.50 -21.97
C THR A 87 20.20 9.46 -23.09
N ASN A 88 21.45 9.39 -22.68
CA ASN A 88 22.59 9.36 -23.64
C ASN A 88 22.29 8.35 -24.75
N SER A 89 21.90 7.14 -24.38
CA SER A 89 21.39 6.07 -25.29
C SER A 89 19.99 5.72 -24.84
N THR A 90 19.06 5.42 -25.75
CA THR A 90 17.73 4.91 -25.32
C THR A 90 17.89 3.51 -24.73
N SER A 91 19.05 2.84 -24.89
CA SER A 91 19.26 1.49 -24.30
C SER A 91 19.99 1.54 -22.97
N ASP A 92 20.07 2.71 -22.33
CA ASP A 92 20.69 2.80 -21.00
C ASP A 92 19.87 2.00 -19.98
N GLN A 93 20.56 1.33 -19.07
CA GLN A 93 19.96 0.49 -17.99
C GLN A 93 19.69 1.34 -16.75
N PRO A 94 18.96 0.82 -15.74
CA PRO A 94 18.59 1.63 -14.58
C PRO A 94 19.75 2.33 -13.87
N PRO A 95 20.92 1.71 -13.60
CA PRO A 95 22.00 2.43 -12.91
C PRO A 95 22.46 3.68 -13.68
N SER A 96 22.57 3.57 -15.01
CA SER A 96 22.89 4.70 -15.90
C SER A 96 21.78 5.77 -15.82
N ARG A 97 20.51 5.38 -15.83
CA ARG A 97 19.39 6.34 -15.72
C ARG A 97 19.49 7.08 -14.37
N ALA A 98 19.93 6.42 -13.30
CA ALA A 98 20.11 7.06 -11.98
C ALA A 98 21.20 8.12 -12.08
N THR A 99 22.35 7.76 -12.65
CA THR A 99 23.46 8.72 -12.86
C THR A 99 23.00 9.92 -13.69
N GLN A 100 22.20 9.70 -14.72
CA GLN A 100 21.71 10.79 -15.60
C GLN A 100 20.68 11.67 -14.89
N LEU A 101 19.80 11.12 -14.06
CA LEU A 101 18.91 11.94 -13.20
C LEU A 101 19.77 12.92 -12.39
N MET A 102 20.82 12.40 -11.76
CA MET A 102 21.61 13.28 -10.86
C MET A 102 22.40 14.31 -11.68
N ALA A 103 22.85 13.91 -12.88
CA ALA A 103 23.58 14.86 -13.74
C ALA A 103 22.66 15.98 -14.22
N ALA A 104 21.41 15.64 -14.47
CA ALA A 104 20.41 16.66 -14.88
C ALA A 104 20.16 17.64 -13.72
N LEU A 105 19.96 17.10 -12.52
CA LEU A 105 19.78 17.98 -11.34
C LEU A 105 21.02 18.88 -11.14
N ASN A 106 22.20 18.30 -11.34
CA ASN A 106 23.45 19.08 -11.17
C ASN A 106 23.52 20.22 -12.19
N GLN A 107 23.04 19.97 -13.41
CA GLN A 107 23.09 21.03 -14.45
C GLN A 107 21.98 22.06 -14.19
N LEU A 108 20.87 21.61 -13.62
CA LEU A 108 19.87 22.65 -13.22
C LEU A 108 20.55 23.60 -12.22
N LYS A 109 21.32 23.04 -11.29
CA LYS A 109 22.04 23.89 -10.30
C LYS A 109 23.00 24.85 -11.02
N THR A 110 23.76 24.33 -11.97
CA THR A 110 24.68 25.17 -12.75
C THR A 110 23.93 26.30 -13.50
N PHE A 111 22.85 25.95 -14.18
CA PHE A 111 22.07 26.97 -14.93
C PHE A 111 21.53 28.01 -13.95
N SER A 112 21.12 27.56 -12.76
CA SER A 112 20.56 28.48 -11.73
C SER A 112 21.67 29.44 -11.27
N ASN A 113 22.94 29.07 -11.45
CA ASN A 113 24.12 29.90 -11.09
C ASN A 113 24.61 30.68 -12.31
N THR A 114 23.94 30.58 -13.45
CA THR A 114 24.43 31.12 -14.74
C THR A 114 23.63 32.37 -15.07
N SER A 115 24.24 33.56 -14.92
CA SER A 115 23.50 34.84 -14.95
C SER A 115 22.68 34.98 -16.24
N SER A 116 23.16 34.45 -17.36
CA SER A 116 22.55 34.64 -18.72
C SER A 116 21.43 33.63 -18.97
N HIS A 117 21.27 32.62 -18.11
CA HIS A 117 20.33 31.50 -18.37
C HIS A 117 18.93 31.84 -17.90
N PRO A 118 17.88 31.39 -18.65
CA PRO A 118 16.49 31.61 -18.26
C PRO A 118 16.11 31.20 -16.82
N ILE A 119 16.77 30.19 -16.24
CA ILE A 119 16.42 29.74 -14.87
C ILE A 119 17.43 30.27 -13.86
N TYR A 120 18.19 31.31 -14.20
CA TYR A 120 19.06 32.01 -13.22
C TYR A 120 18.26 32.25 -11.93
N ARG A 121 18.79 31.73 -10.83
CA ARG A 121 18.36 31.93 -9.42
C ARG A 121 17.05 31.22 -9.11
N LYS A 122 16.54 30.38 -10.01
CA LYS A 122 15.23 29.74 -9.80
C LYS A 122 15.33 28.42 -9.03
N VAL A 123 16.49 27.83 -8.90
CA VAL A 123 16.63 26.50 -8.23
C VAL A 123 17.19 26.68 -6.82
N ASP A 124 16.53 26.09 -5.84
CA ASP A 124 17.11 25.88 -4.51
C ASP A 124 17.92 24.60 -4.54
N PRO A 125 19.26 24.67 -4.54
CA PRO A 125 20.08 23.48 -4.76
C PRO A 125 19.98 22.47 -3.60
N ASN A 126 19.40 22.87 -2.48
CA ASN A 126 19.21 22.02 -1.29
C ASN A 126 17.90 21.20 -1.38
N ARG A 127 17.03 21.41 -2.40
CA ARG A 127 15.68 20.78 -2.44
C ARG A 127 15.45 20.15 -3.81
N LEU A 128 15.83 18.89 -3.96
CA LEU A 128 15.86 18.22 -5.28
C LEU A 128 15.09 16.90 -5.19
N GLY A 129 14.48 16.51 -6.29
CA GLY A 129 13.73 15.25 -6.37
C GLY A 129 13.89 14.59 -7.72
N VAL A 130 13.46 13.33 -7.78
CA VAL A 130 13.63 12.48 -8.97
C VAL A 130 12.33 11.74 -9.26
N MET A 131 12.06 11.49 -10.55
CA MET A 131 10.88 10.75 -11.01
C MET A 131 11.32 9.97 -12.25
N GLY A 132 10.60 8.91 -12.57
CA GLY A 132 10.94 8.18 -13.79
C GLY A 132 10.02 7.03 -14.03
N TRP A 133 9.92 6.66 -15.30
CA TRP A 133 9.01 5.60 -15.78
C TRP A 133 9.79 4.31 -16.00
N SER A 134 9.27 3.20 -15.49
CA SER A 134 9.72 1.85 -15.88
C SER A 134 11.21 1.73 -15.54
N MET A 135 12.13 1.42 -16.46
CA MET A 135 13.57 1.38 -16.09
C MET A 135 14.01 2.72 -15.51
N GLY A 136 13.37 3.81 -15.90
CA GLY A 136 13.63 5.15 -15.31
C GLY A 136 13.13 5.21 -13.87
N GLY A 137 12.09 4.44 -13.53
CA GLY A 137 11.62 4.32 -12.14
C GLY A 137 12.53 3.46 -11.31
N GLY A 138 13.08 2.41 -11.91
CA GLY A 138 14.24 1.71 -11.34
C GLY A 138 15.39 2.67 -11.07
N GLY A 139 15.76 3.49 -12.05
CA GLY A 139 16.79 4.54 -11.92
C GLY A 139 16.49 5.49 -10.78
N THR A 140 15.22 5.88 -10.62
CA THR A 140 14.74 6.81 -9.56
C THR A 140 15.04 6.21 -8.19
N LEU A 141 14.72 4.92 -7.99
CA LEU A 141 14.94 4.24 -6.71
C LEU A 141 16.44 4.11 -6.45
N ILE A 142 17.23 3.82 -7.48
CA ILE A 142 18.72 3.68 -7.34
C ILE A 142 19.28 5.07 -6.98
N ALA A 143 18.78 6.13 -7.62
CA ALA A 143 19.23 7.50 -7.33
C ALA A 143 18.92 7.84 -5.86
N ALA A 144 17.74 7.50 -5.40
CA ALA A 144 17.30 7.74 -4.01
C ALA A 144 18.16 6.94 -3.04
N ARG A 145 18.52 5.71 -3.38
CA ARG A 145 19.39 4.85 -2.53
C ARG A 145 20.75 5.55 -2.36
N ASP A 146 21.29 6.10 -3.45
CA ASP A 146 22.71 6.52 -3.52
C ASP A 146 22.83 8.02 -3.20
N ASN A 147 21.71 8.73 -3.02
CA ASN A 147 21.75 10.20 -2.84
C ASN A 147 20.72 10.58 -1.79
N PRO A 148 20.96 10.23 -0.51
CA PRO A 148 19.95 10.39 0.53
C PRO A 148 19.61 11.84 0.85
N THR A 149 20.36 12.82 0.30
CA THR A 149 20.01 14.26 0.41
C THR A 149 18.80 14.62 -0.46
N LEU A 150 18.39 13.77 -1.40
CA LEU A 150 17.19 14.04 -2.22
C LEU A 150 15.98 14.18 -1.30
N LYS A 151 15.07 15.07 -1.62
CA LYS A 151 13.89 15.36 -0.76
C LYS A 151 12.74 14.40 -1.09
N ALA A 152 12.66 13.90 -2.31
CA ALA A 152 11.51 13.10 -2.75
C ALA A 152 11.85 12.24 -3.97
N ALA A 153 11.15 11.12 -4.11
CA ALA A 153 11.31 10.21 -5.29
C ALA A 153 9.92 9.73 -5.71
N ILE A 154 9.63 9.74 -7.02
CA ILE A 154 8.36 9.19 -7.55
C ILE A 154 8.68 8.31 -8.76
N PRO A 155 8.92 7.02 -8.48
CA PRO A 155 8.95 6.00 -9.53
C PRO A 155 7.51 5.73 -10.01
N PHE A 156 7.28 5.64 -11.32
CA PHE A 156 5.94 5.32 -11.83
C PHE A 156 6.08 4.16 -12.84
N ALA A 157 5.22 3.16 -12.66
CA ALA A 157 5.27 1.84 -13.37
C ALA A 157 6.71 1.35 -13.41
N PRO A 158 7.40 1.34 -12.25
CA PRO A 158 8.83 1.06 -12.23
C PRO A 158 9.17 -0.39 -12.58
N TRP A 159 10.37 -0.53 -13.15
CA TRP A 159 10.94 -1.85 -13.55
C TRP A 159 12.37 -1.86 -13.00
N ASN A 160 12.75 -2.96 -12.38
CA ASN A 160 14.17 -3.13 -11.94
C ASN A 160 14.45 -4.63 -11.84
N SER A 161 15.69 -5.05 -12.08
CA SER A 161 16.04 -6.50 -12.02
C SER A 161 16.15 -6.98 -10.57
N SER A 162 16.37 -6.07 -9.65
CA SER A 162 16.42 -6.42 -8.21
C SER A 162 15.30 -5.67 -7.47
N THR A 163 14.73 -6.29 -6.44
CA THR A 163 13.60 -5.69 -5.70
C THR A 163 14.04 -5.06 -4.36
N ASN A 164 15.29 -5.23 -3.99
CA ASN A 164 15.75 -4.83 -2.63
C ASN A 164 16.14 -3.34 -2.59
N PHE A 165 15.26 -2.49 -2.08
CA PHE A 165 15.50 -1.04 -1.83
C PHE A 165 15.37 -0.77 -0.34
N SER A 166 15.83 -1.70 0.49
CA SER A 166 15.62 -1.66 1.97
C SER A 166 16.48 -0.58 2.63
N THR A 167 17.38 0.13 1.93
CA THR A 167 18.16 1.27 2.52
C THR A 167 17.72 2.64 1.97
N VAL A 168 16.67 2.70 1.14
CA VAL A 168 16.17 4.01 0.67
C VAL A 168 15.52 4.72 1.85
N SER A 169 15.96 5.96 2.14
CA SER A 169 15.48 6.81 3.24
C SER A 169 14.76 8.07 2.70
N VAL A 170 14.72 8.24 1.37
CA VAL A 170 14.05 9.40 0.70
C VAL A 170 12.56 9.12 0.65
N PRO A 171 11.68 10.09 1.02
CA PRO A 171 10.23 9.93 0.87
C PRO A 171 9.83 9.54 -0.56
N THR A 172 9.19 8.38 -0.68
CA THR A 172 9.02 7.69 -1.98
C THR A 172 7.53 7.41 -2.18
N LEU A 173 6.98 7.92 -3.27
CA LEU A 173 5.62 7.54 -3.73
C LEU A 173 5.78 6.66 -4.97
N ILE A 174 5.40 5.40 -4.87
CA ILE A 174 5.41 4.49 -6.05
C ILE A 174 4.03 4.49 -6.68
N ILE A 175 3.96 4.84 -7.96
CA ILE A 175 2.72 4.80 -8.76
C ILE A 175 2.78 3.56 -9.65
N ALA A 176 1.79 2.71 -9.49
CA ALA A 176 1.77 1.32 -10.02
C ALA A 176 0.53 1.24 -10.92
N CYS A 177 0.57 0.36 -11.92
CA CYS A 177 -0.51 0.18 -12.91
C CYS A 177 -0.95 -1.28 -12.84
N GLU A 178 -2.16 -1.53 -12.33
CA GLU A 178 -2.53 -2.87 -11.82
C GLU A 178 -2.34 -3.96 -12.90
N SER A 179 -2.68 -3.67 -14.17
CA SER A 179 -2.70 -4.67 -15.27
C SER A 179 -1.40 -4.62 -16.07
N ASP A 180 -0.37 -3.96 -15.55
CA ASP A 180 0.93 -3.82 -16.24
C ASP A 180 1.46 -5.19 -16.67
N SER A 181 1.69 -5.40 -17.97
CA SER A 181 2.27 -6.69 -18.48
C SER A 181 3.73 -6.48 -18.92
N THR A 182 4.30 -5.32 -18.65
CA THR A 182 5.72 -5.03 -18.95
C THR A 182 6.53 -5.04 -17.66
N ALA A 183 6.02 -4.32 -16.66
CA ALA A 183 6.63 -4.33 -15.31
C ALA A 183 5.53 -4.75 -14.35
N PRO A 184 5.16 -6.04 -14.35
CA PRO A 184 4.09 -6.51 -13.52
C PRO A 184 4.29 -6.06 -12.06
N VAL A 185 3.21 -5.58 -11.47
CA VAL A 185 3.32 -5.03 -10.09
C VAL A 185 3.75 -6.11 -9.11
N ASN A 186 3.33 -7.36 -9.38
CA ASN A 186 3.65 -8.44 -8.41
C ASN A 186 5.15 -8.69 -8.40
N SER A 187 5.87 -8.33 -9.48
CA SER A 187 7.33 -8.60 -9.60
C SER A 187 8.17 -7.32 -9.47
N HIS A 188 7.55 -6.14 -9.52
CA HIS A 188 8.28 -4.85 -9.58
C HIS A 188 7.71 -3.90 -8.53
N ALA A 189 6.70 -3.10 -8.87
CA ALA A 189 6.30 -1.94 -8.03
C ALA A 189 6.00 -2.43 -6.61
N SER A 190 5.23 -3.50 -6.44
CA SER A 190 4.79 -3.92 -5.08
C SER A 190 5.99 -4.39 -4.26
N PRO A 191 6.83 -5.32 -4.73
CA PRO A 191 8.02 -5.69 -3.99
C PRO A 191 8.95 -4.50 -3.69
N PHE A 192 9.05 -3.53 -4.58
CA PHE A 192 9.90 -2.33 -4.31
C PHE A 192 9.35 -1.62 -3.08
N TYR A 193 8.04 -1.36 -3.07
CA TYR A 193 7.36 -0.65 -1.96
C TYR A 193 7.55 -1.45 -0.67
N ASN A 194 7.39 -2.77 -0.76
CA ASN A 194 7.42 -3.66 0.41
C ASN A 194 8.82 -3.72 1.00
N SER A 195 9.86 -3.49 0.21
CA SER A 195 11.27 -3.52 0.65
C SER A 195 11.61 -2.25 1.45
N LEU A 196 10.90 -1.15 1.21
CA LEU A 196 11.25 0.12 1.89
C LEU A 196 11.19 -0.03 3.40
N PRO A 197 12.11 0.63 4.12
CA PRO A 197 12.11 0.61 5.57
C PRO A 197 10.88 1.28 6.18
N SER A 198 10.58 0.92 7.44
CA SER A 198 9.41 1.49 8.14
C SER A 198 9.67 2.97 8.45
N THR A 199 10.93 3.35 8.54
CA THR A 199 11.34 4.72 8.91
C THR A 199 11.26 5.64 7.69
N THR A 200 11.03 5.07 6.51
CA THR A 200 10.94 5.87 5.26
C THR A 200 9.50 6.28 4.99
N LYS A 201 9.25 7.57 4.84
CA LYS A 201 7.90 8.07 4.47
C LYS A 201 7.59 7.52 3.07
N LYS A 202 6.43 6.89 2.92
CA LYS A 202 6.20 6.17 1.65
C LYS A 202 4.71 6.07 1.35
N ALA A 203 4.41 5.90 0.08
CA ALA A 203 3.05 5.64 -0.38
C ALA A 203 3.13 4.78 -1.63
N TYR A 204 2.05 4.07 -1.88
CA TYR A 204 1.85 3.18 -3.04
C TYR A 204 0.48 3.48 -3.60
N LEU A 205 0.41 3.94 -4.84
CA LEU A 205 -0.84 4.31 -5.54
C LEU A 205 -0.96 3.37 -6.73
N GLU A 206 -1.94 2.47 -6.72
CA GLU A 206 -2.09 1.51 -7.82
C GLU A 206 -3.37 1.81 -8.58
N MET A 207 -3.27 2.01 -9.88
CA MET A 207 -4.37 2.44 -10.74
C MET A 207 -5.13 1.21 -11.27
N ASN A 208 -6.42 1.21 -11.08
CA ASN A 208 -7.33 0.08 -11.37
C ASN A 208 -7.22 -0.28 -12.86
N ASN A 209 -6.89 -1.52 -13.15
CA ASN A 209 -6.82 -2.05 -14.53
C ASN A 209 -5.82 -1.24 -15.37
N GLY A 210 -4.84 -0.59 -14.72
CA GLY A 210 -3.93 0.31 -15.43
C GLY A 210 -2.97 -0.46 -16.32
N SER A 211 -2.72 0.03 -17.52
CA SER A 211 -1.68 -0.53 -18.40
C SER A 211 -0.34 0.06 -17.99
N HIS A 212 0.73 -0.38 -18.61
CA HIS A 212 2.10 0.08 -18.29
C HIS A 212 2.22 1.59 -18.50
N SER A 213 1.36 2.20 -19.32
CA SER A 213 1.41 3.65 -19.64
C SER A 213 0.44 4.44 -18.78
N CYS A 214 -0.03 3.86 -17.66
CA CYS A 214 -1.14 4.46 -16.88
C CYS A 214 -0.74 5.79 -16.21
N ALA A 215 0.54 6.14 -16.13
CA ALA A 215 0.98 7.44 -15.54
C ALA A 215 1.86 8.20 -16.53
N ASN A 216 1.70 7.87 -17.80
CA ASN A 216 2.50 8.54 -18.85
C ASN A 216 1.73 9.70 -19.45
N SER A 217 2.41 10.44 -20.33
CA SER A 217 1.73 11.56 -21.00
C SER A 217 0.47 11.06 -21.73
N GLY A 218 -0.65 11.72 -21.53
CA GLY A 218 -1.89 11.35 -22.24
C GLY A 218 -2.68 10.27 -21.53
N ASN A 219 -2.33 9.99 -20.28
CA ASN A 219 -3.04 8.93 -19.52
C ASN A 219 -4.50 9.29 -19.24
N SER A 220 -5.28 8.30 -18.82
CA SER A 220 -6.73 8.50 -18.65
C SER A 220 -7.15 9.14 -17.32
N ASN A 221 -6.22 9.33 -16.40
CA ASN A 221 -6.59 9.83 -15.05
C ASN A 221 -5.55 10.85 -14.58
N ALA A 222 -5.20 11.76 -15.47
CA ALA A 222 -4.10 12.70 -15.15
C ALA A 222 -4.48 13.69 -14.03
N GLY A 223 -5.75 13.99 -13.89
CA GLY A 223 -6.14 14.85 -12.77
C GLY A 223 -5.81 14.20 -11.43
N LEU A 224 -6.23 12.94 -11.28
CA LEU A 224 -6.04 12.23 -10.00
C LEU A 224 -4.57 11.87 -9.76
N ILE A 225 -3.89 11.41 -10.82
CA ILE A 225 -2.48 10.99 -10.62
C ILE A 225 -1.63 12.25 -10.33
N GLY A 226 -1.90 13.31 -11.08
CA GLY A 226 -1.13 14.54 -10.89
C GLY A 226 -1.41 15.12 -9.53
N LYS A 227 -2.62 14.94 -9.00
CA LYS A 227 -2.95 15.40 -7.63
C LYS A 227 -1.98 14.77 -6.64
N TYR A 228 -1.73 13.47 -6.78
CA TYR A 228 -0.84 12.73 -5.86
C TYR A 228 0.61 13.17 -6.06
N GLY A 229 1.07 13.31 -7.30
CA GLY A 229 2.46 13.73 -7.54
C GLY A 229 2.71 15.14 -7.05
N VAL A 230 1.82 16.06 -7.33
CA VAL A 230 1.94 17.45 -6.82
C VAL A 230 1.93 17.43 -5.28
N SER A 231 0.99 16.71 -4.68
CA SER A 231 0.86 16.70 -3.20
C SER A 231 2.12 16.12 -2.56
N TRP A 232 2.72 15.10 -3.18
CA TRP A 232 3.95 14.45 -2.68
C TRP A 232 5.10 15.47 -2.70
N MET A 233 5.29 16.13 -3.83
CA MET A 233 6.41 17.08 -4.00
C MET A 233 6.20 18.29 -3.08
N LYS A 234 4.96 18.75 -2.91
CA LYS A 234 4.65 19.86 -1.97
C LYS A 234 4.97 19.40 -0.54
N ARG A 235 4.43 18.27 -0.14
CA ARG A 235 4.60 17.83 1.27
C ARG A 235 6.08 17.66 1.61
N PHE A 236 6.88 17.07 0.71
CA PHE A 236 8.24 16.60 1.04
C PHE A 236 9.29 17.60 0.57
N MET A 237 9.13 18.23 -0.59
CA MET A 237 10.18 19.14 -1.08
C MET A 237 9.96 20.55 -0.53
N ASP A 238 8.72 20.93 -0.25
CA ASP A 238 8.40 22.26 0.31
C ASP A 238 8.09 22.17 1.81
N ASN A 239 8.05 20.96 2.38
CA ASN A 239 7.59 20.73 3.77
C ASN A 239 6.24 21.42 3.96
N ASP A 240 5.37 21.35 2.95
CA ASP A 240 4.12 22.12 2.91
C ASP A 240 3.02 21.26 3.52
N THR A 241 2.75 21.43 4.82
CA THR A 241 1.77 20.63 5.59
C THR A 241 0.32 20.94 5.17
N ARG A 242 0.08 21.96 4.35
CA ARG A 242 -1.27 22.23 3.79
C ARG A 242 -1.71 21.06 2.90
N PHE A 243 -0.76 20.31 2.39
CA PHE A 243 -1.04 19.22 1.42
C PHE A 243 -1.26 17.90 2.16
N SER A 244 -1.08 17.88 3.47
CA SER A 244 -1.18 16.64 4.28
C SER A 244 -2.54 15.97 4.09
N PRO A 245 -3.66 16.73 4.12
CA PRO A 245 -4.99 16.11 4.03
C PRO A 245 -5.19 15.30 2.74
N TYR A 246 -4.51 15.71 1.66
CA TYR A 246 -4.70 15.13 0.31
C TYR A 246 -3.94 13.80 0.26
N LEU A 247 -3.01 13.58 1.17
CA LEU A 247 -2.18 12.36 1.24
C LEU A 247 -2.65 11.45 2.38
N CYS A 248 -3.23 12.02 3.45
CA CYS A 248 -3.36 11.29 4.74
C CYS A 248 -4.72 11.56 5.42
N GLY A 249 -5.51 12.50 4.95
CA GLY A 249 -6.71 12.93 5.68
C GLY A 249 -8.00 12.61 4.94
N ALA A 250 -9.03 13.44 5.13
CA ALA A 250 -10.40 13.14 4.67
C ALA A 250 -10.46 13.20 3.15
N PRO A 251 -9.80 14.17 2.47
CA PRO A 251 -9.79 14.18 1.01
C PRO A 251 -9.18 12.89 0.44
N HIS A 252 -8.10 12.42 1.04
CA HIS A 252 -7.43 11.17 0.64
C HIS A 252 -8.41 10.00 0.83
N GLN A 253 -9.10 9.96 1.96
CA GLN A 253 -10.06 8.85 2.24
C GLN A 253 -11.17 8.88 1.19
N ALA A 254 -11.63 10.04 0.74
CA ALA A 254 -12.66 10.17 -0.30
C ALA A 254 -12.12 9.59 -1.63
N ASP A 255 -10.84 9.81 -1.96
CA ASP A 255 -10.23 9.25 -3.19
C ASP A 255 -10.28 7.71 -3.17
N LEU A 256 -10.16 7.09 -2.00
CA LEU A 256 -10.06 5.62 -1.89
C LEU A 256 -11.39 4.98 -2.29
N SER A 257 -12.48 5.76 -2.36
CA SER A 257 -13.80 5.30 -2.85
C SER A 257 -13.90 5.36 -4.39
N LEU A 258 -12.93 5.97 -5.08
CA LEU A 258 -12.98 6.10 -6.56
C LEU A 258 -12.64 4.75 -7.18
N THR A 259 -13.34 4.39 -8.26
CA THR A 259 -13.07 3.16 -9.04
C THR A 259 -11.65 3.23 -9.62
N ALA A 260 -11.12 4.42 -9.89
CA ALA A 260 -9.83 4.56 -10.63
C ALA A 260 -8.68 3.99 -9.82
N ILE A 261 -8.79 3.93 -8.49
CA ILE A 261 -7.72 3.47 -7.57
C ILE A 261 -8.10 2.09 -7.04
N ASP A 262 -7.29 1.08 -7.29
CA ASP A 262 -7.64 -0.28 -6.79
C ASP A 262 -6.93 -0.52 -5.45
N GLU A 263 -5.74 0.02 -5.25
CA GLU A 263 -4.96 -0.18 -3.99
C GLU A 263 -4.27 1.13 -3.62
N TYR A 264 -4.20 1.43 -2.32
CA TYR A 264 -3.33 2.49 -1.78
C TYR A 264 -2.69 1.97 -0.49
N ARG A 265 -1.39 2.20 -0.35
CA ARG A 265 -0.62 1.89 0.87
C ARG A 265 0.12 3.14 1.33
N GLU A 266 0.27 3.32 2.63
CA GLU A 266 1.05 4.44 3.19
C GLU A 266 1.39 4.16 4.65
N ASN A 267 2.30 4.95 5.19
CA ASN A 267 2.62 5.01 6.64
C ASN A 267 2.35 6.43 7.15
N CYS A 268 1.21 7.00 6.77
CA CYS A 268 0.65 8.25 7.38
C CYS A 268 0.58 8.06 8.89
N PRO A 269 0.66 9.13 9.72
CA PRO A 269 0.92 10.49 9.26
C PRO A 269 2.42 10.73 9.02
N TYR A 270 2.73 11.62 8.08
CA TYR A 270 4.12 11.86 7.66
C TYR A 270 4.74 12.93 8.57
N MET B 1 -3.32 -37.39 0.31
CA MET B 1 -3.09 -35.97 -0.01
C MET B 1 -4.28 -35.13 0.47
N ASN B 2 -3.99 -33.95 1.00
CA ASN B 2 -5.05 -32.99 1.40
C ASN B 2 -5.43 -32.23 0.13
N PRO B 3 -6.69 -32.34 -0.34
CA PRO B 3 -7.08 -31.71 -1.59
C PRO B 3 -7.10 -30.17 -1.55
N PHE B 4 -7.03 -29.62 -0.34
CA PHE B 4 -7.12 -28.15 -0.20
C PHE B 4 -5.72 -27.50 -0.19
N GLU B 5 -4.68 -28.34 -0.22
CA GLU B 5 -3.30 -27.82 -0.13
C GLU B 5 -2.94 -26.97 -1.36
N LYS B 6 -2.47 -25.75 -1.12
CA LYS B 6 -2.02 -24.84 -2.21
C LYS B 6 -0.62 -24.33 -1.91
N GLY B 7 0.21 -24.25 -2.93
CA GLY B 7 1.50 -23.56 -2.85
C GLY B 7 2.61 -24.46 -2.33
N PRO B 8 3.84 -23.94 -2.36
CA PRO B 8 5.02 -24.69 -1.97
C PRO B 8 5.04 -24.94 -0.47
N ASP B 9 5.80 -25.92 -0.05
CA ASP B 9 5.99 -26.23 1.38
C ASP B 9 6.52 -24.97 2.08
N PRO B 10 5.93 -24.56 3.22
CA PRO B 10 6.33 -23.32 3.89
C PRO B 10 7.74 -23.39 4.50
N THR B 11 8.35 -22.22 4.61
CA THR B 11 9.56 -21.97 5.44
C THR B 11 9.31 -20.69 6.23
N LYS B 12 10.11 -20.47 7.24
CA LYS B 12 10.09 -19.20 8.02
C LYS B 12 10.20 -18.02 7.07
N THR B 13 11.19 -18.04 6.17
CA THR B 13 11.45 -16.91 5.26
C THR B 13 10.22 -16.65 4.41
N MET B 14 9.64 -17.71 3.86
CA MET B 14 8.46 -17.61 2.96
C MET B 14 7.29 -16.99 3.73
N LEU B 15 7.10 -17.41 4.98
CA LEU B 15 5.93 -16.98 5.79
C LEU B 15 6.11 -15.53 6.27
N GLU B 16 7.35 -15.08 6.46
CA GLU B 16 7.61 -13.70 6.95
C GLU B 16 7.74 -12.70 5.79
N ALA B 17 7.82 -13.16 4.56
CA ALA B 17 7.92 -12.29 3.37
C ALA B 17 6.66 -11.42 3.26
N SER B 18 6.80 -10.22 2.69
CA SER B 18 5.68 -9.28 2.52
C SER B 18 4.60 -9.91 1.66
N THR B 19 4.96 -10.81 0.73
CA THR B 19 3.98 -11.49 -0.15
C THR B 19 4.29 -12.99 -0.24
N GLY B 20 3.22 -13.76 -0.37
CA GLY B 20 3.27 -15.22 -0.58
C GLY B 20 3.69 -15.58 -1.98
N PRO B 21 3.60 -16.88 -2.31
CA PRO B 21 4.05 -17.43 -3.58
C PRO B 21 3.16 -17.11 -4.78
N PHE B 22 1.91 -16.68 -4.57
CA PHE B 22 0.97 -16.47 -5.68
C PHE B 22 0.92 -14.98 -6.08
N THR B 23 0.78 -14.76 -7.38
CA THR B 23 0.25 -13.49 -7.94
C THR B 23 -1.22 -13.32 -7.54
N TYR B 24 -1.64 -12.08 -7.40
CA TYR B 24 -3.02 -11.78 -7.06
C TYR B 24 -3.42 -10.51 -7.79
N THR B 25 -4.71 -10.26 -7.83
CA THR B 25 -5.24 -8.98 -8.35
C THR B 25 -6.37 -8.51 -7.44
N THR B 26 -6.82 -7.29 -7.66
CA THR B 26 -7.76 -6.64 -6.71
C THR B 26 -8.88 -6.02 -7.50
N THR B 27 -10.08 -6.44 -7.11
CA THR B 27 -11.32 -6.01 -7.74
C THR B 27 -12.10 -5.15 -6.74
N THR B 28 -12.57 -3.99 -7.19
CA THR B 28 -13.36 -3.11 -6.32
C THR B 28 -14.84 -3.51 -6.35
N VAL B 29 -15.54 -3.38 -5.22
CA VAL B 29 -17.01 -3.60 -5.17
C VAL B 29 -17.62 -2.23 -4.84
N SER B 30 -18.36 -1.66 -5.77
CA SER B 30 -18.99 -0.34 -5.58
C SER B 30 -20.07 -0.37 -4.52
N SER B 31 -20.45 0.82 -4.06
CA SER B 31 -21.55 0.92 -3.08
C SER B 31 -22.88 0.50 -3.71
N THR B 32 -23.01 0.66 -5.02
CA THR B 32 -24.24 0.25 -5.71
C THR B 32 -24.34 -1.27 -5.71
N THR B 33 -23.21 -1.94 -5.90
CA THR B 33 -23.24 -3.42 -5.99
C THR B 33 -23.29 -4.03 -4.59
N ALA B 34 -22.52 -3.46 -3.68
CA ALA B 34 -22.43 -4.02 -2.32
C ALA B 34 -23.80 -4.20 -1.68
N SER B 35 -24.04 -5.38 -1.11
CA SER B 35 -25.32 -5.68 -0.45
C SER B 35 -25.09 -5.97 1.04
N GLY B 36 -25.59 -5.10 1.92
CA GLY B 36 -25.49 -5.35 3.37
C GLY B 36 -24.28 -4.71 4.01
N TYR B 37 -23.46 -4.06 3.20
CA TYR B 37 -22.27 -3.32 3.70
C TYR B 37 -22.09 -2.14 2.75
N ARG B 38 -21.18 -1.23 3.05
CA ARG B 38 -21.11 -0.02 2.21
C ARG B 38 -20.43 -0.30 0.89
N GLN B 39 -19.22 -0.82 0.95
CA GLN B 39 -18.42 -1.07 -0.27
C GLN B 39 -17.24 -1.95 0.13
N GLY B 40 -16.53 -2.48 -0.85
CA GLY B 40 -15.36 -3.28 -0.48
C GLY B 40 -14.35 -3.49 -1.58
N THR B 41 -13.30 -4.22 -1.24
CA THR B 41 -12.26 -4.56 -2.22
C THR B 41 -11.99 -6.06 -2.08
N ILE B 42 -11.98 -6.76 -3.20
CA ILE B 42 -11.72 -8.22 -3.21
C ILE B 42 -10.30 -8.46 -3.72
N TYR B 43 -9.56 -9.25 -2.97
CA TYR B 43 -8.18 -9.61 -3.36
C TYR B 43 -8.24 -11.11 -3.66
N HIS B 44 -7.79 -11.48 -4.84
CA HIS B 44 -7.96 -12.90 -5.22
C HIS B 44 -6.72 -13.41 -5.95
N PRO B 45 -6.36 -14.69 -5.74
CA PRO B 45 -5.21 -15.22 -6.39
C PRO B 45 -5.39 -15.33 -7.92
N THR B 46 -4.27 -15.17 -8.62
CA THR B 46 -4.28 -15.34 -10.09
C THR B 46 -3.19 -16.38 -10.45
N ASN B 47 -3.28 -16.95 -11.65
CA ASN B 47 -2.27 -17.92 -12.15
C ASN B 47 -2.21 -19.15 -11.22
N VAL B 48 -3.29 -19.42 -10.49
CA VAL B 48 -3.45 -20.68 -9.71
C VAL B 48 -4.94 -21.00 -9.74
N THR B 49 -5.28 -22.27 -9.93
CA THR B 49 -6.69 -22.67 -10.02
C THR B 49 -7.19 -22.92 -8.61
N GLY B 50 -8.39 -22.45 -8.32
CA GLY B 50 -9.05 -22.64 -7.03
C GLY B 50 -9.98 -23.84 -7.11
N PRO B 51 -11.12 -23.82 -6.43
CA PRO B 51 -11.51 -22.71 -5.56
C PRO B 51 -10.64 -22.58 -4.30
N PHE B 52 -10.85 -21.48 -3.58
CA PHE B 52 -10.05 -21.08 -2.42
C PHE B 52 -11.02 -20.84 -1.24
N ALA B 53 -10.50 -20.94 -0.04
CA ALA B 53 -11.20 -20.45 1.17
C ALA B 53 -11.26 -18.91 1.07
N ALA B 54 -12.25 -18.29 1.72
CA ALA B 54 -12.49 -16.84 1.60
C ALA B 54 -12.57 -16.22 3.00
N VAL B 55 -12.10 -14.98 3.12
CA VAL B 55 -12.03 -14.25 4.42
C VAL B 55 -12.66 -12.88 4.22
N ALA B 56 -13.49 -12.45 5.17
CA ALA B 56 -13.98 -11.05 5.24
C ALA B 56 -13.27 -10.34 6.39
N VAL B 57 -12.89 -9.08 6.16
CA VAL B 57 -12.13 -8.24 7.12
C VAL B 57 -12.86 -6.92 7.31
N VAL B 58 -13.05 -6.53 8.56
CA VAL B 58 -13.86 -5.31 8.87
C VAL B 58 -13.01 -4.41 9.77
N PRO B 59 -13.09 -3.08 9.61
CA PRO B 59 -12.35 -2.16 10.47
C PRO B 59 -13.05 -1.88 11.79
N GLY B 60 -12.52 -0.91 12.54
CA GLY B 60 -13.06 -0.45 13.83
C GLY B 60 -13.90 0.80 13.69
N TYR B 61 -14.31 1.33 14.83
CA TYR B 61 -15.07 2.58 14.96
C TYR B 61 -14.34 3.75 14.27
N LEU B 62 -15.08 4.46 13.41
CA LEU B 62 -14.65 5.66 12.65
C LEU B 62 -13.51 5.30 11.69
N ALA B 63 -13.33 4.02 11.36
CA ALA B 63 -12.23 3.59 10.48
C ALA B 63 -12.75 3.08 9.14
N SER B 64 -11.85 3.04 8.18
CA SER B 64 -12.14 2.55 6.81
C SER B 64 -11.23 1.37 6.45
N GLN B 65 -11.38 0.86 5.24
CA GLN B 65 -10.58 -0.28 4.73
C GLN B 65 -9.08 -0.03 4.89
N SER B 66 -8.63 1.22 4.79
CA SER B 66 -7.18 1.56 4.80
C SER B 66 -6.52 1.05 6.09
N SER B 67 -7.27 0.91 7.19
CA SER B 67 -6.71 0.45 8.49
C SER B 67 -6.39 -1.05 8.42
N ILE B 68 -7.04 -1.80 7.54
CA ILE B 68 -7.05 -3.28 7.68
C ILE B 68 -6.63 -3.95 6.37
N ASN B 69 -6.45 -3.21 5.29
CA ASN B 69 -6.45 -3.95 3.99
C ASN B 69 -5.07 -4.55 3.65
N TRP B 70 -4.01 -4.36 4.45
CA TRP B 70 -2.73 -5.12 4.25
C TRP B 70 -3.01 -6.62 4.29
N TRP B 71 -4.08 -7.04 4.96
CA TRP B 71 -4.46 -8.47 5.04
C TRP B 71 -4.90 -8.99 3.67
N GLY B 72 -5.45 -8.12 2.79
CA GLY B 72 -5.91 -8.51 1.46
C GLY B 72 -4.77 -9.15 0.68
N PRO B 73 -3.71 -8.39 0.35
CA PRO B 73 -2.62 -8.96 -0.45
C PRO B 73 -1.87 -10.08 0.30
N ARG B 74 -1.73 -9.94 1.61
CA ARG B 74 -0.92 -10.90 2.40
C ARG B 74 -1.57 -12.26 2.34
N LEU B 75 -2.90 -12.33 2.47
CA LEU B 75 -3.61 -13.63 2.40
C LEU B 75 -3.84 -14.04 0.95
N ALA B 76 -4.22 -13.13 0.06
CA ALA B 76 -4.50 -13.48 -1.36
C ALA B 76 -3.28 -14.14 -1.99
N SER B 77 -2.09 -13.62 -1.71
CA SER B 77 -0.79 -14.12 -2.26
C SER B 77 -0.45 -15.50 -1.68
N HIS B 78 -1.21 -15.97 -0.69
CA HIS B 78 -1.09 -17.34 -0.12
C HIS B 78 -2.30 -18.22 -0.45
N GLY B 79 -3.15 -17.82 -1.39
CA GLY B 79 -4.23 -18.67 -1.91
C GLY B 79 -5.52 -18.55 -1.14
N PHE B 80 -5.93 -17.32 -0.80
CA PHE B 80 -7.26 -17.03 -0.22
C PHE B 80 -7.93 -15.94 -1.04
N VAL B 81 -9.24 -15.97 -1.06
CA VAL B 81 -10.05 -14.82 -1.54
C VAL B 81 -10.39 -13.97 -0.31
N VAL B 82 -10.02 -12.69 -0.37
CA VAL B 82 -10.22 -11.76 0.79
C VAL B 82 -11.11 -10.61 0.36
N ILE B 83 -12.14 -10.31 1.13
CA ILE B 83 -12.88 -9.03 0.94
C ILE B 83 -12.64 -8.14 2.16
N THR B 84 -12.21 -6.92 1.91
CA THR B 84 -12.06 -5.89 2.97
C THR B 84 -13.24 -4.94 2.81
N ILE B 85 -13.95 -4.64 3.88
CA ILE B 85 -15.23 -3.88 3.73
C ILE B 85 -15.16 -2.55 4.47
N ASP B 86 -15.93 -1.61 3.96
CA ASP B 86 -16.38 -0.42 4.69
C ASP B 86 -17.80 -0.69 5.19
N THR B 87 -18.09 -0.23 6.39
CA THR B 87 -19.38 -0.46 7.05
C THR B 87 -20.40 0.61 6.61
N ASN B 88 -21.66 0.27 6.77
CA ASN B 88 -22.79 1.15 6.37
C ASN B 88 -22.57 2.52 6.99
N SER B 89 -22.21 2.56 8.27
CA SER B 89 -21.73 3.77 8.96
C SER B 89 -20.40 3.46 9.61
N THR B 90 -19.46 4.41 9.64
CA THR B 90 -18.21 4.23 10.40
C THR B 90 -18.54 4.21 11.91
N SER B 91 -19.74 4.61 12.33
CA SER B 91 -20.16 4.59 13.77
C SER B 91 -20.77 3.25 14.17
N ASP B 92 -20.80 2.26 13.28
CA ASP B 92 -21.40 0.94 13.56
C ASP B 92 -20.70 0.29 14.75
N GLN B 93 -21.47 -0.37 15.61
CA GLN B 93 -20.96 -1.05 16.81
C GLN B 93 -20.73 -2.53 16.50
N PRO B 94 -20.17 -3.32 17.43
CA PRO B 94 -19.77 -4.69 17.06
C PRO B 94 -20.86 -5.60 16.50
N PRO B 95 -22.09 -5.68 17.06
CA PRO B 95 -23.08 -6.59 16.51
C PRO B 95 -23.38 -6.27 15.04
N SER B 96 -23.45 -4.99 14.70
CA SER B 96 -23.66 -4.52 13.31
C SER B 96 -22.46 -4.93 12.44
N ARG B 97 -21.24 -4.83 12.97
CA ARG B 97 -20.02 -5.24 12.23
C ARG B 97 -20.07 -6.76 11.98
N ALA B 98 -20.61 -7.54 12.90
CA ALA B 98 -20.74 -9.01 12.72
C ALA B 98 -21.68 -9.28 11.53
N THR B 99 -22.83 -8.60 11.49
CA THR B 99 -23.85 -8.80 10.44
C THR B 99 -23.23 -8.46 9.08
N GLN B 100 -22.43 -7.39 9.02
CA GLN B 100 -21.83 -6.91 7.75
C GLN B 100 -20.71 -7.85 7.30
N LEU B 101 -19.93 -8.44 8.21
CA LEU B 101 -18.97 -9.51 7.83
C LEU B 101 -19.73 -10.62 7.10
N MET B 102 -20.85 -11.03 7.67
CA MET B 102 -21.55 -12.22 7.10
C MET B 102 -22.18 -11.83 5.77
N ALA B 103 -22.59 -10.58 5.67
CA ALA B 103 -23.21 -10.11 4.41
C ALA B 103 -22.15 -10.11 3.30
N ALA B 104 -20.95 -9.68 3.64
CA ALA B 104 -19.84 -9.68 2.67
C ALA B 104 -19.54 -11.12 2.22
N LEU B 105 -19.43 -12.03 3.18
CA LEU B 105 -19.12 -13.44 2.80
C LEU B 105 -20.25 -13.98 1.90
N ASN B 106 -21.49 -13.63 2.24
CA ASN B 106 -22.68 -14.12 1.47
C ASN B 106 -22.60 -13.58 0.03
N GLN B 107 -22.17 -12.34 -0.12
CA GLN B 107 -22.04 -11.77 -1.49
C GLN B 107 -20.84 -12.40 -2.22
N LEU B 108 -19.75 -12.74 -1.54
CA LEU B 108 -18.64 -13.41 -2.25
C LEU B 108 -19.18 -14.70 -2.89
N LYS B 109 -20.05 -15.41 -2.16
CA LYS B 109 -20.62 -16.68 -2.68
C LYS B 109 -21.44 -16.36 -3.94
N THR B 110 -22.22 -15.28 -3.89
CA THR B 110 -23.03 -14.86 -5.05
C THR B 110 -22.10 -14.55 -6.24
N PHE B 111 -21.07 -13.74 -6.03
CA PHE B 111 -20.08 -13.37 -7.09
C PHE B 111 -19.41 -14.63 -7.67
N SER B 112 -19.02 -15.57 -6.80
CA SER B 112 -18.37 -16.84 -7.22
C SER B 112 -19.31 -17.66 -8.10
N ASN B 113 -20.62 -17.47 -7.95
CA ASN B 113 -21.67 -18.18 -8.73
C ASN B 113 -22.12 -17.33 -9.93
N THR B 114 -21.39 -16.26 -10.26
CA THR B 114 -21.80 -15.34 -11.37
C THR B 114 -20.77 -15.40 -12.50
N SER B 115 -21.14 -15.94 -13.67
CA SER B 115 -20.17 -16.17 -14.77
C SER B 115 -19.39 -14.92 -15.15
N SER B 116 -20.04 -13.78 -15.10
CA SER B 116 -19.40 -12.51 -15.52
C SER B 116 -18.39 -11.98 -14.51
N HIS B 117 -18.43 -12.44 -13.27
CA HIS B 117 -17.60 -11.85 -12.20
C HIS B 117 -16.14 -12.31 -12.21
N PRO B 118 -15.17 -11.40 -11.98
CA PRO B 118 -13.79 -11.78 -11.89
C PRO B 118 -13.54 -12.97 -10.95
N ILE B 119 -14.34 -13.11 -9.90
CA ILE B 119 -14.06 -14.23 -8.94
C ILE B 119 -15.01 -15.41 -9.19
N TYR B 120 -15.55 -15.56 -10.41
CA TYR B 120 -16.36 -16.73 -10.79
C TYR B 120 -15.60 -18.02 -10.48
N ARG B 121 -16.22 -18.89 -9.70
CA ARG B 121 -15.70 -20.23 -9.32
C ARG B 121 -14.47 -20.14 -8.42
N LYS B 122 -14.14 -18.98 -7.81
CA LYS B 122 -12.92 -18.88 -7.00
C LYS B 122 -13.21 -19.18 -5.52
N VAL B 123 -14.47 -19.24 -5.09
CA VAL B 123 -14.78 -19.34 -3.63
C VAL B 123 -15.34 -20.72 -3.35
N ASP B 124 -14.76 -21.42 -2.37
CA ASP B 124 -15.37 -22.61 -1.75
C ASP B 124 -16.33 -22.10 -0.68
N PRO B 125 -17.65 -22.21 -0.94
CA PRO B 125 -18.63 -21.59 -0.06
C PRO B 125 -18.64 -22.20 1.34
N ASN B 126 -17.98 -23.34 1.50
CA ASN B 126 -18.04 -24.06 2.78
C ASN B 126 -16.76 -23.82 3.60
N ARG B 127 -15.88 -22.92 3.16
CA ARG B 127 -14.59 -22.67 3.87
C ARG B 127 -14.42 -21.16 3.97
N LEU B 128 -15.01 -20.58 5.01
CA LEU B 128 -15.12 -19.10 5.18
C LEU B 128 -14.54 -18.70 6.53
N GLY B 129 -13.93 -17.53 6.58
CA GLY B 129 -13.35 -16.99 7.81
C GLY B 129 -13.55 -15.49 7.93
N VAL B 130 -13.33 -14.99 9.13
CA VAL B 130 -13.59 -13.57 9.53
C VAL B 130 -12.38 -13.02 10.28
N MET B 131 -12.12 -11.73 10.06
CA MET B 131 -11.08 -10.98 10.78
C MET B 131 -11.61 -9.56 11.00
N GLY B 132 -11.03 -8.87 11.95
CA GLY B 132 -11.41 -7.47 12.17
C GLY B 132 -10.62 -6.83 13.27
N TRP B 133 -10.61 -5.50 13.21
CA TRP B 133 -9.87 -4.63 14.12
C TRP B 133 -10.82 -4.00 15.13
N SER B 134 -10.45 -4.07 16.40
CA SER B 134 -11.06 -3.28 17.50
C SER B 134 -12.57 -3.61 17.57
N MET B 135 -13.49 -2.68 17.36
CA MET B 135 -14.92 -3.07 17.37
C MET B 135 -15.20 -4.08 16.26
N GLY B 136 -14.41 -4.08 15.20
CA GLY B 136 -14.50 -5.11 14.15
C GLY B 136 -13.99 -6.43 14.64
N GLY B 137 -13.06 -6.43 15.60
CA GLY B 137 -12.62 -7.63 16.33
C GLY B 137 -13.71 -8.16 17.25
N GLY B 138 -14.40 -7.27 17.95
CA GLY B 138 -15.64 -7.67 18.65
C GLY B 138 -16.62 -8.28 17.67
N GLY B 139 -16.81 -7.65 16.52
CA GLY B 139 -17.72 -8.15 15.48
C GLY B 139 -17.28 -9.52 14.99
N THR B 140 -15.98 -9.77 14.91
CA THR B 140 -15.42 -11.07 14.47
C THR B 140 -15.84 -12.15 15.47
N LEU B 141 -15.73 -11.88 16.77
CA LEU B 141 -16.05 -12.85 17.83
C LEU B 141 -17.57 -13.09 17.84
N ILE B 142 -18.38 -12.06 17.63
CA ILE B 142 -19.86 -12.18 17.57
C ILE B 142 -20.25 -13.01 16.35
N ALA B 143 -19.65 -12.72 15.19
CA ALA B 143 -19.89 -13.52 13.97
C ALA B 143 -19.56 -14.98 14.24
N ALA B 144 -18.43 -15.26 14.88
CA ALA B 144 -18.01 -16.65 15.15
C ALA B 144 -19.03 -17.31 16.07
N ARG B 145 -19.46 -16.59 17.10
CA ARG B 145 -20.46 -17.14 18.05
C ARG B 145 -21.77 -17.47 17.35
N ASP B 146 -22.20 -16.62 16.43
CA ASP B 146 -23.54 -16.72 15.81
C ASP B 146 -23.50 -17.58 14.55
N ASN B 147 -22.30 -17.89 14.00
CA ASN B 147 -22.14 -18.64 12.74
C ASN B 147 -21.06 -19.69 12.93
N PRO B 148 -21.31 -20.73 13.73
CA PRO B 148 -20.24 -21.64 14.10
C PRO B 148 -19.73 -22.54 12.96
N THR B 149 -20.32 -22.46 11.77
CA THR B 149 -19.72 -23.15 10.58
C THR B 149 -18.54 -22.36 10.01
N LEU B 150 -18.31 -21.13 10.45
CA LEU B 150 -17.08 -20.40 10.05
C LEU B 150 -15.87 -21.26 10.44
N LYS B 151 -14.80 -21.21 9.65
CA LYS B 151 -13.65 -22.13 9.88
C LYS B 151 -12.53 -21.47 10.68
N ALA B 152 -12.55 -20.14 10.75
CA ALA B 152 -11.47 -19.44 11.45
C ALA B 152 -11.90 -18.02 11.75
N ALA B 153 -11.39 -17.48 12.84
CA ALA B 153 -11.64 -16.08 13.27
C ALA B 153 -10.31 -15.49 13.77
N ILE B 154 -9.98 -14.25 13.37
CA ILE B 154 -8.77 -13.56 13.85
C ILE B 154 -9.16 -12.13 14.23
N PRO B 155 -9.67 -11.94 15.45
CA PRO B 155 -9.84 -10.59 15.99
C PRO B 155 -8.46 -10.01 16.28
N PHE B 156 -8.22 -8.75 15.93
CA PHE B 156 -6.95 -8.09 16.26
C PHE B 156 -7.22 -6.76 16.96
N ALA B 157 -6.48 -6.52 18.05
CA ALA B 157 -6.74 -5.43 19.03
C ALA B 157 -8.24 -5.31 19.27
N PRO B 158 -8.93 -6.41 19.61
CA PRO B 158 -10.39 -6.43 19.66
C PRO B 158 -10.95 -5.59 20.81
N TRP B 159 -12.17 -5.09 20.61
CA TRP B 159 -12.96 -4.29 21.59
C TRP B 159 -14.39 -4.83 21.58
N ASN B 160 -14.96 -5.06 22.76
CA ASN B 160 -16.37 -5.48 22.90
C ASN B 160 -16.81 -5.19 24.33
N SER B 161 -18.07 -4.87 24.57
CA SER B 161 -18.51 -4.58 25.96
C SER B 161 -18.45 -5.88 26.76
N SER B 162 -18.99 -6.95 26.19
CA SER B 162 -19.12 -8.26 26.86
C SER B 162 -17.84 -9.06 26.60
N THR B 163 -17.34 -9.78 27.60
CA THR B 163 -16.11 -10.58 27.47
C THR B 163 -16.47 -12.05 27.36
N ASN B 164 -17.77 -12.38 27.40
CA ASN B 164 -18.23 -13.80 27.44
C ASN B 164 -18.38 -14.35 26.03
N PHE B 165 -17.35 -15.04 25.54
CA PHE B 165 -17.39 -15.81 24.29
C PHE B 165 -17.20 -17.29 24.61
N SER B 166 -17.87 -17.75 25.67
CA SER B 166 -17.73 -19.13 26.20
C SER B 166 -18.44 -20.14 25.29
N THR B 167 -19.19 -19.73 24.26
CA THR B 167 -19.83 -20.70 23.34
C THR B 167 -19.12 -20.72 21.98
N VAL B 168 -18.07 -19.92 21.80
CA VAL B 168 -17.38 -19.84 20.48
C VAL B 168 -16.62 -21.14 20.23
N SER B 169 -16.89 -21.82 19.11
CA SER B 169 -16.30 -23.13 18.77
C SER B 169 -15.48 -23.01 17.48
N VAL B 170 -15.37 -21.80 16.94
CA VAL B 170 -14.53 -21.50 15.75
C VAL B 170 -13.08 -21.32 16.22
N PRO B 171 -12.10 -21.95 15.53
CA PRO B 171 -10.69 -21.72 15.83
C PRO B 171 -10.35 -20.24 15.77
N THR B 172 -9.87 -19.70 16.88
CA THR B 172 -9.73 -18.24 17.07
C THR B 172 -8.31 -17.87 17.50
N LEU B 173 -7.69 -16.99 16.73
CA LEU B 173 -6.38 -16.40 17.04
C LEU B 173 -6.63 -14.95 17.39
N ILE B 174 -6.41 -14.59 18.65
CA ILE B 174 -6.54 -13.19 19.10
C ILE B 174 -5.17 -12.55 19.06
N ILE B 175 -5.06 -11.46 18.32
CA ILE B 175 -3.82 -10.67 18.23
C ILE B 175 -4.02 -9.44 19.09
N ALA B 176 -3.17 -9.28 20.10
CA ALA B 176 -3.34 -8.27 21.18
C ALA B 176 -2.13 -7.37 21.18
N CYS B 177 -2.35 -6.11 21.53
CA CYS B 177 -1.33 -5.05 21.45
C CYS B 177 -1.02 -4.58 22.88
N GLU B 178 0.14 -4.95 23.40
CA GLU B 178 0.46 -4.87 24.84
C GLU B 178 0.06 -3.49 25.42
N SER B 179 0.45 -2.42 24.75
CA SER B 179 0.35 -1.04 25.28
C SER B 179 -0.96 -0.37 24.84
N ASP B 180 -1.91 -1.16 24.32
CA ASP B 180 -3.19 -0.62 23.79
C ASP B 180 -3.89 0.19 24.90
N SER B 181 -4.17 1.49 24.68
CA SER B 181 -4.96 2.35 25.61
C SER B 181 -6.42 2.49 25.16
N THR B 182 -6.78 2.02 23.96
CA THR B 182 -8.16 2.15 23.41
C THR B 182 -8.97 0.90 23.74
N ALA B 183 -8.37 -0.28 23.55
CA ALA B 183 -8.93 -1.61 23.92
C ALA B 183 -7.92 -2.32 24.82
N PRO B 184 -7.73 -1.85 26.06
CA PRO B 184 -6.73 -2.45 26.95
C PRO B 184 -6.89 -3.97 26.99
N VAL B 185 -5.78 -4.67 26.85
CA VAL B 185 -5.74 -6.15 26.80
C VAL B 185 -6.37 -6.71 28.08
N ASN B 186 -6.19 -6.07 29.24
CA ASN B 186 -6.69 -6.64 30.52
C ASN B 186 -8.21 -6.51 30.62
N SER B 187 -8.86 -5.68 29.80
CA SER B 187 -10.35 -5.52 29.76
C SER B 187 -10.99 -6.14 28.51
N HIS B 188 -10.20 -6.42 27.48
CA HIS B 188 -10.72 -6.83 26.14
C HIS B 188 -10.01 -8.11 25.69
N ALA B 189 -8.88 -8.01 24.99
CA ALA B 189 -8.26 -9.19 24.32
C ALA B 189 -8.05 -10.35 25.31
N SER B 190 -7.50 -10.11 26.50
CA SER B 190 -7.14 -11.20 27.44
C SER B 190 -8.38 -11.91 27.99
N PRO B 191 -9.38 -11.21 28.56
CA PRO B 191 -10.62 -11.87 28.98
C PRO B 191 -11.40 -12.57 27.84
N PHE B 192 -11.37 -12.02 26.62
CA PHE B 192 -11.99 -12.71 25.47
C PHE B 192 -11.33 -14.09 25.33
N TYR B 193 -10.00 -14.12 25.29
CA TYR B 193 -9.25 -15.39 25.11
C TYR B 193 -9.60 -16.34 26.26
N ASN B 194 -9.61 -15.81 27.50
CA ASN B 194 -9.80 -16.66 28.71
C ASN B 194 -11.20 -17.26 28.72
N SER B 195 -12.17 -16.63 28.07
CA SER B 195 -13.58 -17.08 28.06
C SER B 195 -13.72 -18.30 27.13
N LEU B 196 -12.87 -18.42 26.11
CA LEU B 196 -13.08 -19.44 25.05
C LEU B 196 -13.02 -20.81 25.70
N PRO B 197 -13.90 -21.76 25.30
CA PRO B 197 -13.87 -23.08 25.89
C PRO B 197 -12.55 -23.81 25.62
N SER B 198 -12.22 -24.77 26.49
CA SER B 198 -11.00 -25.59 26.40
C SER B 198 -10.99 -26.40 25.10
N THR B 199 -12.15 -26.65 24.52
CA THR B 199 -12.32 -27.54 23.33
C THR B 199 -12.20 -26.71 22.04
N THR B 200 -12.09 -25.39 22.15
CA THR B 200 -11.94 -24.52 20.95
C THR B 200 -10.47 -24.29 20.68
N LYS B 201 -10.00 -24.60 19.47
CA LYS B 201 -8.58 -24.40 19.14
C LYS B 201 -8.34 -22.88 19.19
N LYS B 202 -7.29 -22.44 19.86
CA LYS B 202 -7.16 -21.00 20.12
C LYS B 202 -5.70 -20.63 20.31
N ALA B 203 -5.40 -19.34 20.12
CA ALA B 203 -4.08 -18.77 20.37
C ALA B 203 -4.28 -17.30 20.74
N TYR B 204 -3.31 -16.77 21.46
CA TYR B 204 -3.23 -15.36 21.91
C TYR B 204 -1.82 -14.88 21.58
N LEU B 205 -1.68 -13.93 20.68
CA LEU B 205 -0.35 -13.37 20.26
C LEU B 205 -0.33 -11.92 20.71
N GLU B 206 0.46 -11.61 21.72
CA GLU B 206 0.55 -10.25 22.28
C GLU B 206 1.86 -9.58 21.84
N MET B 207 1.75 -8.45 21.16
CA MET B 207 2.88 -7.76 20.54
C MET B 207 3.47 -6.74 21.54
N ASN B 208 4.77 -6.83 21.73
CA ASN B 208 5.53 -6.04 22.74
C ASN B 208 5.39 -4.55 22.39
N ASN B 209 4.97 -3.73 23.34
CA ASN B 209 4.85 -2.25 23.17
C ASN B 209 3.84 -1.90 22.09
N GLY B 210 2.96 -2.84 21.69
CA GLY B 210 2.02 -2.56 20.60
C GLY B 210 1.03 -1.48 20.98
N SER B 211 0.87 -0.48 20.13
CA SER B 211 -0.25 0.50 20.21
C SER B 211 -1.52 -0.18 19.69
N HIS B 212 -2.64 0.51 19.76
CA HIS B 212 -3.93 -0.05 19.30
C HIS B 212 -3.86 -0.43 17.81
N SER B 213 -2.97 0.21 17.04
CA SER B 213 -2.84 -0.07 15.58
C SER B 213 -1.72 -1.08 15.27
N CYS B 214 -1.30 -1.88 16.25
CA CYS B 214 -0.12 -2.77 16.05
C CYS B 214 -0.31 -3.88 15.00
N ALA B 215 -1.54 -4.20 14.61
CA ALA B 215 -1.72 -5.22 13.55
C ALA B 215 -2.41 -4.61 12.34
N ASN B 216 -2.33 -3.29 12.23
CA ASN B 216 -2.99 -2.58 11.12
C ASN B 216 -2.06 -2.42 9.92
N SER B 217 -2.63 -1.91 8.84
CA SER B 217 -1.85 -1.65 7.61
C SER B 217 -0.63 -0.78 7.93
N GLY B 218 0.54 -1.22 7.49
CA GLY B 218 1.76 -0.42 7.69
C GLY B 218 2.49 -0.67 9.00
N ASN B 219 2.06 -1.68 9.77
CA ASN B 219 2.65 -1.94 11.09
C ASN B 219 4.12 -2.38 10.95
N SER B 220 4.89 -2.28 12.02
CA SER B 220 6.34 -2.57 11.96
C SER B 220 6.67 -4.04 12.22
N ASN B 221 5.65 -4.87 12.39
CA ASN B 221 5.88 -6.31 12.70
C ASN B 221 5.08 -7.15 11.70
N ALA B 222 4.94 -6.65 10.48
CA ALA B 222 4.12 -7.34 9.46
C ALA B 222 4.63 -8.75 9.14
N GLY B 223 5.94 -8.94 9.18
CA GLY B 223 6.54 -10.26 8.91
C GLY B 223 6.02 -11.30 9.89
N LEU B 224 6.11 -10.98 11.17
CA LEU B 224 5.69 -11.92 12.23
C LEU B 224 4.17 -12.02 12.26
N ILE B 225 3.48 -10.87 12.28
CA ILE B 225 2.00 -10.92 12.39
C ILE B 225 1.44 -11.63 11.17
N GLY B 226 1.94 -11.32 9.97
CA GLY B 226 1.44 -11.98 8.75
C GLY B 226 1.70 -13.47 8.79
N LYS B 227 2.86 -13.88 9.31
CA LYS B 227 3.22 -15.32 9.43
C LYS B 227 2.14 -16.04 10.25
N TYR B 228 1.73 -15.47 11.37
CA TYR B 228 0.68 -16.11 12.20
C TYR B 228 -0.69 -16.07 11.53
N GLY B 229 -1.10 -14.96 10.93
CA GLY B 229 -2.43 -14.90 10.29
C GLY B 229 -2.51 -15.85 9.11
N VAL B 230 -1.48 -15.93 8.28
CA VAL B 230 -1.47 -16.89 7.14
C VAL B 230 -1.48 -18.33 7.67
N SER B 231 -0.63 -18.65 8.64
CA SER B 231 -0.53 -20.02 9.20
C SER B 231 -1.88 -20.42 9.78
N TRP B 232 -2.54 -19.50 10.50
CA TRP B 232 -3.87 -19.77 11.10
C TRP B 232 -4.89 -20.11 10.01
N MET B 233 -4.95 -19.31 8.95
CA MET B 233 -5.93 -19.53 7.87
C MET B 233 -5.57 -20.79 7.08
N LYS B 234 -4.29 -21.06 6.85
CA LYS B 234 -3.88 -22.32 6.19
C LYS B 234 -4.32 -23.52 7.03
N ARG B 235 -4.00 -23.52 8.32
CA ARG B 235 -4.29 -24.69 9.20
C ARG B 235 -5.81 -24.91 9.31
N PHE B 236 -6.59 -23.85 9.51
CA PHE B 236 -8.00 -24.00 9.91
C PHE B 236 -8.95 -23.89 8.72
N MET B 237 -8.59 -23.23 7.62
CA MET B 237 -9.50 -23.14 6.47
C MET B 237 -9.09 -24.18 5.42
N ASP B 238 -7.82 -24.51 5.32
CA ASP B 238 -7.33 -25.48 4.30
C ASP B 238 -6.99 -26.80 4.97
N ASN B 239 -7.13 -26.93 6.29
CA ASN B 239 -6.73 -28.14 7.04
C ASN B 239 -5.26 -28.45 6.74
N ASP B 240 -4.45 -27.43 6.49
CA ASP B 240 -3.09 -27.59 5.95
C ASP B 240 -2.12 -27.74 7.12
N THR B 241 -1.79 -28.98 7.47
CA THR B 241 -0.91 -29.29 8.61
C THR B 241 0.57 -29.00 8.27
N ARG B 242 0.91 -28.59 7.05
CA ARG B 242 2.28 -28.11 6.77
C ARG B 242 2.54 -26.85 7.58
N PHE B 243 1.49 -26.14 7.99
CA PHE B 243 1.61 -24.85 8.73
C PHE B 243 1.58 -25.06 10.25
N SER B 244 1.17 -26.24 10.72
CA SER B 244 1.13 -26.58 12.16
C SER B 244 2.45 -26.27 12.88
N PRO B 245 3.64 -26.57 12.31
CA PRO B 245 4.90 -26.30 13.02
C PRO B 245 5.06 -24.82 13.37
N TYR B 246 4.53 -23.94 12.54
CA TYR B 246 4.66 -22.47 12.74
C TYR B 246 3.73 -21.98 13.84
N LEU B 247 2.72 -22.77 14.22
CA LEU B 247 1.77 -22.41 15.31
C LEU B 247 2.14 -23.13 16.61
N CYS B 248 2.69 -24.35 16.52
CA CYS B 248 2.74 -25.28 17.69
C CYS B 248 4.10 -25.96 17.83
N GLY B 249 4.95 -25.94 16.80
CA GLY B 249 6.17 -26.76 16.79
C GLY B 249 7.44 -25.95 17.02
N ALA B 250 8.59 -26.46 16.56
CA ALA B 250 9.91 -25.88 16.84
C ALA B 250 10.01 -24.47 16.25
N PRO B 251 9.52 -24.19 15.01
CA PRO B 251 9.57 -22.83 14.49
C PRO B 251 8.82 -21.85 15.38
N HIS B 252 7.65 -22.26 15.86
CA HIS B 252 6.82 -21.45 16.78
C HIS B 252 7.64 -21.18 18.04
N GLN B 253 8.25 -22.21 18.61
CA GLN B 253 8.93 -22.04 19.92
C GLN B 253 10.06 -21.04 19.75
N ALA B 254 10.75 -21.05 18.60
CA ALA B 254 11.89 -20.13 18.35
C ALA B 254 11.39 -18.68 18.27
N ASP B 255 10.15 -18.44 17.82
CA ASP B 255 9.57 -17.07 17.82
C ASP B 255 9.47 -16.52 19.24
N LEU B 256 9.27 -17.37 20.25
CA LEU B 256 8.94 -16.90 21.61
C LEU B 256 10.16 -16.25 22.30
N SER B 257 11.34 -16.28 21.68
CA SER B 257 12.52 -15.50 22.15
C SER B 257 12.62 -14.14 21.46
N LEU B 258 11.74 -13.82 20.51
CA LEU B 258 11.76 -12.51 19.80
C LEU B 258 11.22 -11.43 20.73
N THR B 259 11.96 -10.33 20.90
CA THR B 259 11.53 -9.18 21.73
C THR B 259 10.13 -8.70 21.28
N ALA B 260 9.84 -8.84 19.99
CA ALA B 260 8.57 -8.35 19.38
C ALA B 260 7.38 -9.03 20.05
N ILE B 261 7.51 -10.26 20.56
CA ILE B 261 6.37 -10.99 21.19
C ILE B 261 6.49 -10.88 22.70
N ASP B 262 5.58 -10.21 23.38
CA ASP B 262 5.75 -10.19 24.86
C ASP B 262 5.07 -11.41 25.49
N GLU B 263 4.02 -11.98 24.89
CA GLU B 263 3.32 -13.15 25.46
C GLU B 263 2.65 -13.94 24.34
N TYR B 264 2.58 -15.24 24.51
CA TYR B 264 1.83 -16.14 23.61
C TYR B 264 1.13 -17.19 24.45
N ARG B 265 -0.14 -17.43 24.17
CA ARG B 265 -0.93 -18.50 24.82
C ARG B 265 -1.50 -19.39 23.72
N GLU B 266 -1.69 -20.67 24.01
CA GLU B 266 -2.33 -21.58 23.03
C GLU B 266 -2.77 -22.85 23.74
N ASN B 267 -3.64 -23.63 23.09
CA ASN B 267 -3.97 -25.01 23.52
C ASN B 267 -3.58 -25.98 22.39
N CYS B 268 -2.36 -25.82 21.87
CA CYS B 268 -1.65 -26.83 21.02
C CYS B 268 -1.71 -28.18 21.72
N PRO B 269 -1.72 -29.33 20.98
CA PRO B 269 -1.47 -29.37 19.53
C PRO B 269 -2.67 -29.11 18.60
N TYR B 270 -2.36 -28.49 17.45
CA TYR B 270 -3.15 -28.40 16.21
C TYR B 270 -2.18 -28.04 15.06
#